data_2YJ1
#
_entry.id   2YJ1
#
_cell.length_a   58.918
_cell.length_b   71.382
_cell.length_c   75.605
_cell.angle_alpha   90.00
_cell.angle_beta   90.00
_cell.angle_gamma   90.00
#
_symmetry.space_group_name_H-M   'P 21 21 21'
#
loop_
_entity.id
_entity.type
_entity.pdbx_description
1 polymer 'BCL-2-LIKE PROTEIN 1'
2 polymer 'ALPHA-BETA-PUMA BH3 FOLDAMER'
3 water water
#
loop_
_entity_poly.entity_id
_entity_poly.type
_entity_poly.pdbx_seq_one_letter_code
_entity_poly.pdbx_strand_id
1 'polypeptide(L)'
;GPLGSMSQSNRELVVDFLSYKLSQKGYSWSQMAAVKQALREAGDEFELRYRRAFSDLTSQLHITPGTAYQSFEQVVNELF
RDGVNWGRIVAFFSFGGALCVESVDKEMQVLVSRIAAWMATYLNDHLEPWIQENGGWDTFVELYGNNAAAESRKGQER
;
A,C
2 'polypeptide(L)' (ACE)(HT7)AR(B3E)IGA(B3Q)LR(HR7)MAD(B3D)LN(B3A)QYE(NH2) B,D
#
loop_
_chem_comp.id
_chem_comp.type
_chem_comp.name
_chem_comp.formula
ACE non-polymer 'ACETYL GROUP' 'C2 H4 O'
NH2 non-polymer 'AMINO GROUP' 'H2 N'
#
# COMPACT_ATOMS: atom_id res chain seq x y z
N GLY A 1 13.92 -20.80 -7.90
CA GLY A 1 12.90 -19.78 -8.02
C GLY A 1 13.46 -18.37 -7.90
N PRO A 2 14.25 -17.96 -8.92
CA PRO A 2 14.71 -16.57 -8.98
C PRO A 2 13.51 -15.67 -9.17
N LEU A 3 13.36 -14.64 -8.33
CA LEU A 3 12.23 -13.71 -8.46
C LEU A 3 12.35 -12.86 -9.73
N GLY A 4 11.21 -12.41 -10.23
CA GLY A 4 11.18 -11.57 -11.40
C GLY A 4 9.78 -11.37 -11.96
N SER A 5 9.69 -10.63 -13.05
CA SER A 5 8.40 -10.27 -13.64
C SER A 5 7.49 -11.49 -13.88
N MET A 6 8.06 -12.62 -14.28
CA MET A 6 7.24 -13.79 -14.61
C MET A 6 6.87 -14.70 -13.45
N SER A 7 7.34 -14.37 -12.27
CA SER A 7 6.99 -15.14 -11.09
C SER A 7 6.02 -14.29 -10.29
N GLN A 8 5.82 -13.08 -10.77
CA GLN A 8 5.02 -12.11 -10.04
C GLN A 8 3.52 -12.44 -10.07
N SER A 9 2.96 -12.63 -8.88
CA SER A 9 1.55 -12.97 -8.75
C SER A 9 0.64 -11.84 -9.21
N ASN A 10 -0.18 -12.13 -10.20
CA ASN A 10 -1.19 -11.20 -10.69
C ASN A 10 -2.24 -10.94 -9.61
N ARG A 11 -2.58 -11.99 -8.88
CA ARG A 11 -3.54 -11.90 -7.78
C ARG A 11 -3.09 -10.87 -6.75
N GLU A 12 -1.83 -10.99 -6.34
CA GLU A 12 -1.23 -10.09 -5.37
C GLU A 12 -1.30 -8.62 -5.84
N LEU A 13 -0.96 -8.38 -7.11
CA LEU A 13 -1.04 -7.04 -7.68
C LEU A 13 -2.45 -6.48 -7.61
N VAL A 14 -3.42 -7.30 -7.98
CA VAL A 14 -4.82 -6.89 -8.03
C VAL A 14 -5.34 -6.58 -6.62
N VAL A 15 -5.13 -7.52 -5.71
CA VAL A 15 -5.54 -7.36 -4.33
C VAL A 15 -4.93 -6.07 -3.76
N ASP A 16 -3.66 -5.82 -4.05
CA ASP A 16 -3.00 -4.61 -3.54
C ASP A 16 -3.57 -3.32 -4.14
N PHE A 17 -3.87 -3.32 -5.43
CA PHE A 17 -4.46 -2.14 -6.04
C PHE A 17 -5.88 -1.88 -5.49
N LEU A 18 -6.68 -2.95 -5.39
CA LEU A 18 -8.05 -2.84 -4.91
C LEU A 18 -8.12 -2.42 -3.44
N SER A 19 -7.21 -2.92 -2.61
CA SER A 19 -7.14 -2.52 -1.21
C SER A 19 -6.98 -1.01 -1.11
N TYR A 20 -6.10 -0.50 -1.97
CA TYR A 20 -5.80 0.93 -1.99
C TYR A 20 -7.06 1.73 -2.34
N LYS A 21 -7.66 1.39 -3.48
CA LYS A 21 -8.83 2.14 -3.91
C LYS A 21 -9.97 2.05 -2.91
N LEU A 22 -10.18 0.87 -2.33
CA LEU A 22 -11.22 0.71 -1.33
C LEU A 22 -10.95 1.60 -0.11
N SER A 23 -9.70 1.63 0.34
CA SER A 23 -9.36 2.43 1.52
C SER A 23 -9.52 3.95 1.32
N GLN A 24 -9.32 4.43 0.09
CA GLN A 24 -9.48 5.86 -0.20
C GLN A 24 -10.91 6.33 -0.02
N LYS A 25 -11.84 5.37 -0.06
CA LYS A 25 -13.25 5.64 0.16
C LYS A 25 -13.71 5.23 1.55
N GLY A 26 -12.78 4.90 2.43
CA GLY A 26 -13.17 4.46 3.76
C GLY A 26 -13.61 3.00 3.80
N TYR A 27 -13.23 2.22 2.80
CA TYR A 27 -13.56 0.79 2.77
C TYR A 27 -12.28 -0.06 2.91
N SER A 28 -12.40 -1.37 2.84
CA SER A 28 -11.23 -2.24 2.89
C SER A 28 -11.42 -3.58 2.19
N TRP A 29 -10.34 -4.13 1.66
CA TRP A 29 -10.37 -5.42 0.99
C TRP A 29 -10.47 -6.63 1.94
N SER A 30 -9.86 -6.51 3.11
CA SER A 30 -9.85 -7.59 4.09
C SER A 30 -9.27 -6.99 5.36
N GLN A 31 -9.29 -7.75 6.45
CA GLN A 31 -8.74 -7.19 7.68
C GLN A 31 -7.23 -6.99 7.54
N MET A 32 -6.55 -7.95 6.94
CA MET A 32 -5.10 -7.83 6.71
C MET A 32 -4.78 -6.57 5.87
N ALA A 33 -5.57 -6.34 4.83
CA ALA A 33 -5.36 -5.18 3.98
C ALA A 33 -5.67 -3.91 4.75
N ALA A 34 -6.71 -3.95 5.58
CA ALA A 34 -7.09 -2.79 6.39
C ALA A 34 -6.03 -2.49 7.46
N VAL A 35 -5.44 -3.53 8.06
CA VAL A 35 -4.34 -3.30 8.99
C VAL A 35 -3.16 -2.62 8.30
N LYS A 36 -2.75 -3.15 7.14
CA LYS A 36 -1.63 -2.56 6.40
C LYS A 36 -1.88 -1.10 6.06
N GLN A 37 -3.06 -0.83 5.49
CA GLN A 37 -3.40 0.53 5.08
C GLN A 37 -3.52 1.49 6.26
N ALA A 38 -4.13 1.06 7.36
CA ALA A 38 -4.24 1.92 8.54
C ALA A 38 -2.86 2.22 9.12
N LEU A 39 -1.95 1.25 9.01
CA LEU A 39 -0.58 1.45 9.47
C LEU A 39 0.12 2.51 8.62
N ARG A 40 0.06 2.35 7.30
CA ARG A 40 0.60 3.37 6.39
C ARG A 40 0.08 4.76 6.72
N GLU A 41 -1.23 4.88 6.93
CA GLU A 41 -1.84 6.18 7.21
C GLU A 41 -1.41 6.71 8.57
N ALA A 42 -1.47 5.85 9.59
CA ALA A 42 -1.04 6.23 10.93
C ALA A 42 0.42 6.69 10.90
N GLY A 43 1.26 5.94 10.19
CA GLY A 43 2.65 6.33 9.96
C GLY A 43 2.80 7.72 9.35
N ASP A 44 2.12 7.97 8.22
CA ASP A 44 2.11 9.30 7.62
C ASP A 44 1.66 10.35 8.62
N GLU A 45 0.56 10.03 9.31
CA GLU A 45 0.00 10.96 10.26
C GLU A 45 1.00 11.28 11.36
N PHE A 46 1.64 10.23 11.89
CA PHE A 46 2.63 10.39 12.95
C PHE A 46 3.81 11.24 12.49
N GLU A 47 4.27 10.98 11.26
CA GLU A 47 5.44 11.67 10.73
C GLU A 47 5.13 13.12 10.38
N LEU A 48 3.88 13.37 9.99
CA LEU A 48 3.46 14.72 9.63
C LEU A 48 3.01 15.54 10.86
N ARG A 49 2.76 14.86 11.97
CA ARG A 49 2.28 15.53 13.17
C ARG A 49 3.43 16.29 13.84
N TYR A 50 4.62 15.69 13.80
CA TYR A 50 5.84 16.41 14.15
C TYR A 50 6.83 16.33 13.00
N ARG A 51 6.40 16.83 11.85
CA ARG A 51 7.17 16.72 10.61
C ARG A 51 8.66 16.99 10.85
N ARG A 52 8.98 18.20 11.29
CA ARG A 52 10.37 18.60 11.45
C ARG A 52 11.02 17.84 12.61
N ALA A 53 10.35 17.80 13.76
CA ALA A 53 10.92 17.17 14.94
C ALA A 53 11.21 15.68 14.74
N PHE A 54 10.30 14.95 14.11
CA PHE A 54 10.53 13.52 13.90
C PHE A 54 11.75 13.34 13.01
N SER A 55 11.78 14.07 11.90
CA SER A 55 12.95 14.07 11.02
C SER A 55 14.24 14.51 11.73
N ASP A 56 14.22 15.64 12.44
CA ASP A 56 15.39 16.10 13.19
C ASP A 56 15.88 15.08 14.23
N LEU A 57 14.95 14.32 14.83
CA LEU A 57 15.30 13.28 15.81
C LEU A 57 16.05 12.10 15.18
N THR A 58 15.45 11.54 14.13
CA THR A 58 16.03 10.40 13.43
C THR A 58 17.38 10.78 12.82
N SER A 59 17.45 11.99 12.30
CA SER A 59 18.70 12.55 11.78
C SER A 59 19.80 12.64 12.85
N GLN A 60 19.39 12.74 14.12
CA GLN A 60 20.34 12.77 15.23
C GLN A 60 21.04 11.42 15.42
N LEU A 61 20.40 10.35 14.98
CA LEU A 61 21.03 9.01 15.01
C LEU A 61 21.95 8.77 13.81
N HIS A 62 23.23 8.61 14.08
CA HIS A 62 24.23 8.49 13.02
C HIS A 62 24.56 7.03 12.70
N ILE A 63 23.65 6.40 11.98
CA ILE A 63 23.74 4.96 11.76
C ILE A 63 24.85 4.57 10.82
N THR A 64 25.50 3.46 11.15
CA THR A 64 26.49 2.81 10.31
C THR A 64 26.24 1.32 10.48
N PRO A 65 26.71 0.51 9.53
CA PRO A 65 26.38 -0.90 9.68
C PRO A 65 26.84 -1.46 11.03
N GLY A 66 27.91 -0.88 11.57
CA GLY A 66 28.48 -1.38 12.82
C GLY A 66 27.80 -0.89 14.08
N THR A 67 26.94 0.11 13.98
CA THR A 67 26.27 0.67 15.16
C THR A 67 24.74 0.55 15.10
N ALA A 68 24.23 0.13 13.95
CA ALA A 68 22.80 0.13 13.69
C ALA A 68 21.99 -0.67 14.72
N TYR A 69 22.43 -1.89 15.05
CA TYR A 69 21.60 -2.71 15.92
C TYR A 69 21.50 -2.15 17.33
N GLN A 70 22.64 -1.70 17.88
CA GLN A 70 22.66 -1.17 19.23
C GLN A 70 21.80 0.09 19.36
N SER A 71 21.79 0.92 18.34
CA SER A 71 20.93 2.12 18.34
C SER A 71 19.47 1.74 18.21
N PHE A 72 19.17 0.87 17.25
CA PHE A 72 17.82 0.32 17.14
C PHE A 72 17.32 -0.23 18.48
N GLU A 73 18.12 -1.09 19.10
CA GLU A 73 17.72 -1.73 20.36
C GLU A 73 17.48 -0.74 21.52
N GLN A 74 18.32 0.27 21.65
CA GLN A 74 18.12 1.24 22.73
C GLN A 74 16.86 2.09 22.54
N VAL A 75 16.63 2.54 21.32
CA VAL A 75 15.47 3.38 21.05
C VAL A 75 14.18 2.61 21.32
N VAL A 76 14.10 1.39 20.81
CA VAL A 76 12.89 0.58 20.91
C VAL A 76 12.60 0.09 22.33
N ASN A 77 13.61 -0.36 23.05
CA ASN A 77 13.43 -0.74 24.45
C ASN A 77 12.94 0.45 25.29
N GLU A 78 13.53 1.62 25.05
CA GLU A 78 13.10 2.82 25.74
C GLU A 78 11.69 3.23 25.32
N LEU A 79 11.39 3.11 24.03
CA LEU A 79 10.05 3.46 23.52
C LEU A 79 8.94 2.70 24.25
N PHE A 80 9.24 1.46 24.63
CA PHE A 80 8.25 0.61 25.28
C PHE A 80 8.64 0.36 26.74
N ARG A 81 9.41 1.27 27.29
CA ARG A 81 9.95 1.11 28.63
C ARG A 81 8.86 0.80 29.67
N ASP A 82 7.79 1.59 29.69
CA ASP A 82 6.77 1.43 30.71
C ASP A 82 5.46 0.86 30.17
N GLY A 83 5.52 0.22 29.00
CA GLY A 83 4.39 -0.51 28.47
C GLY A 83 4.15 -0.31 26.99
N VAL A 84 3.01 -0.80 26.54
CA VAL A 84 2.64 -0.72 25.14
C VAL A 84 1.32 0.01 24.99
N ASN A 85 1.21 0.85 23.96
CA ASN A 85 -0.08 1.30 23.44
C ASN A 85 0.05 1.34 21.92
N TRP A 86 -1.06 1.54 21.23
CA TRP A 86 -1.07 1.54 19.76
C TRP A 86 -0.27 2.71 19.19
N GLY A 87 -0.24 3.83 19.91
CA GLY A 87 0.57 4.97 19.48
C GLY A 87 2.04 4.62 19.39
N ARG A 88 2.55 3.98 20.44
CA ARG A 88 3.96 3.57 20.48
C ARG A 88 4.26 2.58 19.37
N ILE A 89 3.31 1.70 19.12
CA ILE A 89 3.47 0.73 18.05
C ILE A 89 3.62 1.43 16.70
N VAL A 90 2.80 2.45 16.44
CA VAL A 90 2.92 3.23 15.21
C VAL A 90 4.30 3.88 15.12
N ALA A 91 4.74 4.45 16.24
CA ALA A 91 6.03 5.11 16.31
C ALA A 91 7.17 4.10 16.03
N PHE A 92 7.00 2.88 16.51
CA PHE A 92 7.97 1.82 16.27
C PHE A 92 8.09 1.60 14.76
N PHE A 93 6.94 1.47 14.09
CA PHE A 93 6.98 1.33 12.64
C PHE A 93 7.65 2.50 11.92
N SER A 94 7.27 3.72 12.27
CA SER A 94 7.77 4.93 11.60
C SER A 94 9.26 5.07 11.78
N PHE A 95 9.73 4.74 12.99
CA PHE A 95 11.15 4.77 13.29
C PHE A 95 11.94 3.78 12.43
N GLY A 96 11.45 2.56 12.31
CA GLY A 96 12.11 1.59 11.46
C GLY A 96 12.14 2.06 10.01
N GLY A 97 11.02 2.60 9.53
CA GLY A 97 10.95 3.15 8.18
C GLY A 97 11.99 4.26 7.94
N ALA A 98 12.11 5.18 8.90
CA ALA A 98 13.08 6.27 8.78
C ALA A 98 14.49 5.71 8.65
N LEU A 99 14.80 4.70 9.47
CA LEU A 99 16.10 4.04 9.49
C LEU A 99 16.41 3.37 8.16
N CYS A 100 15.41 2.78 7.53
CA CYS A 100 15.60 2.15 6.23
C CYS A 100 15.94 3.14 5.10
N VAL A 101 15.17 4.22 5.01
CA VAL A 101 15.41 5.24 4.00
C VAL A 101 16.81 5.87 4.15
N GLU A 102 17.20 6.16 5.39
CA GLU A 102 18.51 6.72 5.69
C GLU A 102 19.62 5.74 5.32
N SER A 103 19.41 4.46 5.63
CA SER A 103 20.35 3.43 5.23
C SER A 103 20.59 3.44 3.72
N VAL A 104 19.51 3.49 2.94
CA VAL A 104 19.66 3.51 1.50
C VAL A 104 20.33 4.81 1.05
N ASP A 105 19.82 5.94 1.55
CA ASP A 105 20.48 7.24 1.34
C ASP A 105 22.01 7.16 1.50
N LYS A 106 22.49 6.53 2.57
CA LYS A 106 23.94 6.49 2.74
C LYS A 106 24.65 5.30 2.10
N GLU A 107 23.99 4.64 1.16
CA GLU A 107 24.59 3.49 0.47
C GLU A 107 24.88 2.36 1.45
N MET A 108 24.04 2.25 2.48
CA MET A 108 24.13 1.16 3.44
C MET A 108 22.92 0.21 3.27
N GLN A 109 22.64 -0.18 2.02
CA GLN A 109 21.45 -0.96 1.68
C GLN A 109 21.34 -2.30 2.40
N VAL A 110 22.48 -2.88 2.76
CA VAL A 110 22.49 -4.15 3.48
C VAL A 110 21.69 -4.08 4.78
N LEU A 111 21.55 -2.86 5.30
CA LEU A 111 20.87 -2.66 6.59
C LEU A 111 19.35 -2.80 6.50
N VAL A 112 18.80 -2.61 5.29
CA VAL A 112 17.36 -2.68 5.06
C VAL A 112 16.74 -4.00 5.51
N SER A 113 17.26 -5.12 5.03
CA SER A 113 16.71 -6.40 5.43
C SER A 113 17.04 -6.75 6.89
N ARG A 114 18.16 -6.26 7.41
CA ARG A 114 18.48 -6.47 8.84
C ARG A 114 17.49 -5.75 9.75
N ILE A 115 17.22 -4.49 9.43
CA ILE A 115 16.24 -3.69 10.16
C ILE A 115 14.84 -4.34 10.14
N ALA A 116 14.41 -4.75 8.95
CA ALA A 116 13.15 -5.44 8.78
C ALA A 116 13.08 -6.68 9.66
N ALA A 117 14.19 -7.41 9.71
CA ALA A 117 14.27 -8.63 10.51
C ALA A 117 14.30 -8.35 12.02
N TRP A 118 15.00 -7.29 12.42
CA TRP A 118 14.99 -6.85 13.81
C TRP A 118 13.60 -6.37 14.20
N MET A 119 12.89 -5.71 13.28
CA MET A 119 11.54 -5.27 13.58
C MET A 119 10.59 -6.46 13.79
N ALA A 120 10.61 -7.40 12.85
CA ALA A 120 9.81 -8.62 12.95
C ALA A 120 10.10 -9.40 14.22
N THR A 121 11.37 -9.55 14.58
CA THR A 121 11.71 -10.26 15.81
C THR A 121 11.12 -9.57 17.03
N TYR A 122 11.29 -8.23 17.08
CA TYR A 122 10.75 -7.46 18.19
C TYR A 122 9.23 -7.55 18.31
N LEU A 123 8.56 -7.45 17.17
CA LEU A 123 7.12 -7.59 17.12
C LEU A 123 6.66 -8.97 17.59
N ASN A 124 7.25 -10.01 17.01
CA ASN A 124 6.80 -11.37 17.29
C ASN A 124 7.17 -11.82 18.69
N ASP A 125 8.28 -11.31 19.19
CA ASP A 125 8.76 -11.70 20.51
C ASP A 125 8.23 -10.83 21.65
N HIS A 126 8.23 -9.53 21.46
CA HIS A 126 7.85 -8.62 22.52
C HIS A 126 6.40 -8.15 22.41
N LEU A 127 6.00 -7.79 21.20
CA LEU A 127 4.75 -7.05 21.02
C LEU A 127 3.54 -7.96 20.79
N GLU A 128 3.76 -9.11 20.16
CA GLU A 128 2.66 -9.97 19.75
C GLU A 128 1.76 -10.42 20.91
N PRO A 129 2.35 -10.84 22.05
CA PRO A 129 1.51 -11.19 23.19
C PRO A 129 0.59 -10.04 23.63
N TRP A 130 1.10 -8.81 23.69
CA TRP A 130 0.28 -7.64 24.04
C TRP A 130 -0.82 -7.44 22.98
N ILE A 131 -0.44 -7.50 21.70
CA ILE A 131 -1.39 -7.25 20.62
C ILE A 131 -2.51 -8.27 20.67
N GLN A 132 -2.14 -9.53 20.85
CA GLN A 132 -3.10 -10.62 20.88
C GLN A 132 -4.07 -10.47 22.06
N GLU A 133 -3.51 -10.23 23.24
CA GLU A 133 -4.31 -9.97 24.43
C GLU A 133 -5.29 -8.79 24.22
N ASN A 134 -4.81 -7.72 23.62
CA ASN A 134 -5.66 -6.55 23.41
C ASN A 134 -6.60 -6.67 22.21
N GLY A 135 -6.99 -7.90 21.87
CA GLY A 135 -8.02 -8.10 20.86
C GLY A 135 -7.51 -8.15 19.44
N GLY A 136 -6.19 -8.18 19.29
CA GLY A 136 -5.57 -8.32 17.98
C GLY A 136 -5.48 -7.03 17.18
N TRP A 137 -4.94 -7.14 15.97
CA TRP A 137 -4.85 -6.00 15.06
C TRP A 137 -6.22 -5.40 14.72
N ASP A 138 -7.27 -6.20 14.90
CA ASP A 138 -8.65 -5.69 14.68
C ASP A 138 -8.93 -4.46 15.54
N THR A 139 -8.36 -4.44 16.73
CA THR A 139 -8.51 -3.30 17.63
C THR A 139 -7.87 -2.03 17.07
N PHE A 140 -6.66 -2.17 16.54
CA PHE A 140 -5.97 -1.05 15.89
C PHE A 140 -6.80 -0.52 14.72
N VAL A 141 -7.27 -1.42 13.86
CA VAL A 141 -8.12 -1.04 12.74
C VAL A 141 -9.28 -0.16 13.19
N GLU A 142 -10.04 -0.67 14.16
CA GLU A 142 -11.16 0.08 14.71
C GLU A 142 -10.74 1.43 15.28
N LEU A 143 -9.67 1.43 16.08
CA LEU A 143 -9.23 2.66 16.74
C LEU A 143 -8.68 3.70 15.76
N TYR A 144 -7.75 3.28 14.92
CA TYR A 144 -6.98 4.22 14.10
C TYR A 144 -7.48 4.25 12.66
N GLY A 145 -7.78 3.09 12.09
CA GLY A 145 -8.18 3.00 10.69
C GLY A 145 -9.61 3.45 10.42
N ASN A 146 -10.45 3.42 11.44
CA ASN A 146 -11.87 3.73 11.29
C ASN A 146 -12.26 4.94 12.14
N ASN A 147 -11.26 5.67 12.59
CA ASN A 147 -11.49 6.91 13.32
C ASN A 147 -10.48 7.97 12.89
N ALA A 148 -10.90 9.23 12.92
CA ALA A 148 -9.98 10.34 12.67
C ALA A 148 -9.46 10.88 14.00
N ALA A 149 -8.32 11.55 13.98
CA ALA A 149 -7.74 12.11 15.20
C ALA A 149 -8.73 13.12 15.80
N ALA A 150 -8.81 13.17 17.13
CA ALA A 150 -9.70 14.13 17.79
C ALA A 150 -9.47 15.50 17.18
N GLU A 151 -8.20 15.87 17.08
CA GLU A 151 -7.68 17.01 16.33
C GLU A 151 -6.54 17.69 17.07
N HT7 B 2 21.78 11.36 25.11
CB HT7 B 2 21.41 10.91 23.77
CG HT7 B 2 22.18 11.70 22.71
CD HT7 B 2 22.26 11.04 21.36
CE2 HT7 B 2 23.24 10.08 20.94
CZ3 HT7 B 2 24.35 9.47 21.58
CH3 HT7 B 2 25.10 8.55 20.86
CT2 HT7 B 2 24.78 8.23 19.54
CH2 HT7 B 2 23.72 8.79 18.88
CZ2 HT7 B 2 22.94 9.73 19.60
NZ1 HT7 B 2 21.83 10.45 19.23
CE1 HT7 B 2 21.43 11.23 20.29
CA HT7 B 2 21.64 9.41 23.58
C HT7 B 2 20.45 8.78 22.87
O HT7 B 2 19.40 9.42 22.68
N ALA B 3 20.62 7.52 22.47
CA ALA B 3 19.55 6.78 21.80
C ALA B 3 18.36 6.53 22.72
N ARG B 4 18.59 6.48 24.03
CA ARG B 4 17.50 6.30 24.99
C ARG B 4 16.69 7.57 25.28
N B3E B 5 17.40 8.67 25.49
CA B3E B 5 16.74 9.93 25.80
CG B3E B 5 17.37 10.52 27.07
CD B3E B 5 16.34 10.97 28.10
CE B3E B 5 16.09 9.93 29.17
OF2 B3E B 5 17.07 9.25 29.56
OF1 B3E B 5 14.92 9.77 29.61
CB B3E B 5 16.90 10.91 24.65
C B3E B 5 15.87 10.69 23.53
O B3E B 5 14.67 10.93 23.68
N ILE B 6 16.38 10.24 22.40
CA ILE B 6 15.53 10.03 21.24
C ILE B 6 14.39 9.02 21.44
N GLY B 7 14.65 7.94 22.18
CA GLY B 7 13.61 6.94 22.41
C GLY B 7 12.50 7.46 23.31
N ALA B 8 12.89 8.22 24.34
CA ALA B 8 11.96 8.75 25.33
C ALA B 8 11.24 9.98 24.85
N B3Q B 9 11.90 10.77 24.02
CA B3Q B 9 11.29 12.00 23.51
CG B3Q B 9 11.98 13.16 24.23
CB B3Q B 9 11.37 12.05 21.99
C B3Q B 9 10.24 11.24 21.34
O B3Q B 9 9.13 11.75 21.19
CD B3Q B 9 11.35 14.54 24.06
CE B3Q B 9 10.11 14.80 24.91
NF2 B3Q B 9 9.07 15.31 24.25
OF1 B3Q B 9 10.07 14.55 26.13
N LEU B 10 10.50 9.99 20.97
CA LEU B 10 9.47 9.15 20.34
C LEU B 10 8.29 8.80 21.22
N ARG B 11 8.59 8.36 22.45
CA ARG B 11 7.55 7.90 23.36
C ARG B 11 6.64 9.02 23.82
N HR7 B 12 7.25 10.08 24.36
CB HR7 B 12 6.51 11.22 24.88
CG HR7 B 12 7.22 11.69 26.15
CD HR7 B 12 6.93 10.83 27.37
CE HR7 B 12 5.76 9.87 27.14
NZ HR7 B 12 4.72 9.85 28.18
CH HR7 B 12 3.78 10.79 28.31
NH2 HR7 B 12 3.73 11.85 27.50
NH1 HR7 B 12 2.88 10.67 29.30
C HR7 B 12 5.50 12.24 22.74
O HR7 B 12 4.28 12.28 22.92
CA HR7 B 12 6.49 12.38 23.89
N MET B 13 6.02 12.06 21.53
CA MET B 13 5.20 11.97 20.32
C MET B 13 4.16 10.84 20.26
N ALA B 14 4.53 9.65 20.71
CA ALA B 14 3.63 8.48 20.61
C ALA B 14 2.41 8.60 21.52
N ASP B 15 2.66 9.07 22.73
CA ASP B 15 1.64 9.12 23.76
C ASP B 15 0.73 10.34 23.58
OE1 B3D B 16 0.54 13.04 25.84
CD B3D B 16 1.48 13.58 25.19
OE2 B3D B 16 2.60 13.87 25.68
CG B3D B 16 1.24 13.86 23.71
CA B3D B 16 0.58 12.70 22.96
N B3D B 16 1.32 11.46 23.17
CB B3D B 16 0.63 13.06 21.47
C B3D B 16 -0.39 12.29 20.67
O B3D B 16 -1.60 12.48 20.82
N LEU B 17 0.12 11.40 19.82
CA LEU B 17 -0.73 10.58 18.95
C LEU B 17 -1.78 9.73 19.67
N ASN B 18 -1.38 8.97 20.68
CA ASN B 18 -2.29 7.99 21.29
C ASN B 18 -3.37 8.65 22.13
CG B3A B 19 -3.27 10.67 25.02
CA B3A B 19 -3.93 10.46 23.67
N B3A B 19 -3.00 9.73 22.81
CB B3A B 19 -4.24 11.80 23.08
C B3A B 19 -5.29 11.75 21.98
O B3A B 19 -6.49 11.69 22.24
N GLN B 20 -4.82 11.77 20.74
CA GLN B 20 -5.69 11.78 19.55
C GLN B 20 -6.64 10.60 19.36
N TYR B 21 -6.24 9.40 19.78
CA TYR B 21 -6.99 8.21 19.38
C TYR B 21 -7.64 7.42 20.51
N GLU B 22 -6.83 6.89 21.43
CA GLU B 22 -7.38 6.23 22.60
C GLU B 22 -7.88 7.26 23.60
N NH2 B 23 -7.32 8.46 23.54
N MET C 6 -0.69 -13.47 13.79
CA MET C 6 0.38 -14.43 13.55
C MET C 6 1.75 -13.78 13.64
N SER C 7 2.77 -14.53 13.22
CA SER C 7 4.15 -14.05 13.26
C SER C 7 4.62 -13.73 11.85
N GLN C 8 4.03 -14.41 10.87
CA GLN C 8 4.26 -14.10 9.46
C GLN C 8 3.35 -12.94 9.08
N SER C 9 2.23 -12.85 9.80
CA SER C 9 1.39 -11.66 9.76
C SER C 9 2.29 -10.47 10.01
N ASN C 10 2.91 -10.44 11.19
CA ASN C 10 3.73 -9.32 11.60
C ASN C 10 4.84 -8.98 10.60
N ARG C 11 5.51 -10.02 10.10
CA ARG C 11 6.55 -9.82 9.09
C ARG C 11 5.99 -9.19 7.81
N GLU C 12 4.82 -9.62 7.38
CA GLU C 12 4.18 -9.01 6.21
C GLU C 12 3.82 -7.56 6.49
N LEU C 13 3.41 -7.26 7.72
CA LEU C 13 3.11 -5.88 8.08
C LEU C 13 4.36 -5.02 8.01
N VAL C 14 5.47 -5.57 8.49
CA VAL C 14 6.74 -4.88 8.48
C VAL C 14 7.21 -4.63 7.04
N VAL C 15 7.16 -5.64 6.20
CA VAL C 15 7.50 -5.47 4.78
C VAL C 15 6.63 -4.40 4.09
N ASP C 16 5.33 -4.46 4.29
CA ASP C 16 4.42 -3.52 3.64
C ASP C 16 4.72 -2.12 4.09
N PHE C 17 4.97 -1.95 5.38
CA PHE C 17 5.19 -0.61 5.85
C PHE C 17 6.51 -0.07 5.29
N LEU C 18 7.57 -0.87 5.35
CA LEU C 18 8.86 -0.44 4.83
C LEU C 18 8.82 -0.19 3.31
N SER C 19 8.16 -1.07 2.57
CA SER C 19 7.93 -0.89 1.15
C SER C 19 7.39 0.50 0.87
N TYR C 20 6.45 0.91 1.72
CA TYR C 20 5.75 2.17 1.57
C TYR C 20 6.66 3.39 1.85
N LYS C 21 7.39 3.32 2.96
CA LYS C 21 8.38 4.37 3.27
C LYS C 21 9.49 4.47 2.24
N LEU C 22 9.94 3.34 1.72
CA LEU C 22 10.98 3.33 0.70
C LEU C 22 10.49 4.01 -0.57
N SER C 23 9.26 3.68 -0.97
CA SER C 23 8.70 4.20 -2.20
C SER C 23 8.48 5.71 -2.13
N GLN C 24 8.02 6.20 -0.98
CA GLN C 24 7.89 7.64 -0.76
C GLN C 24 9.17 8.41 -1.03
N LYS C 25 10.31 7.72 -1.06
CA LYS C 25 11.58 8.38 -1.35
C LYS C 25 12.18 7.94 -2.68
N GLY C 26 11.42 7.15 -3.43
CA GLY C 26 11.82 6.74 -4.76
C GLY C 26 12.70 5.49 -4.78
N TYR C 27 12.67 4.76 -3.67
CA TYR C 27 13.38 3.50 -3.56
C TYR C 27 12.37 2.36 -3.60
N SER C 28 12.84 1.12 -3.66
CA SER C 28 11.92 0.00 -3.64
C SER C 28 12.41 -1.11 -2.72
N TRP C 29 11.47 -1.69 -1.98
CA TRP C 29 11.77 -2.87 -1.18
C TRP C 29 12.14 -4.03 -2.11
N SER C 30 11.38 -4.16 -3.19
CA SER C 30 11.53 -5.24 -4.17
C SER C 30 10.90 -4.78 -5.48
N GLN C 31 11.12 -5.53 -6.56
CA GLN C 31 10.46 -5.21 -7.82
C GLN C 31 8.95 -5.24 -7.66
N MET C 32 8.46 -6.25 -6.94
CA MET C 32 7.03 -6.38 -6.68
C MET C 32 6.45 -5.17 -5.94
N ALA C 33 7.17 -4.69 -4.92
CA ALA C 33 6.78 -3.48 -4.19
C ALA C 33 6.77 -2.26 -5.11
N ALA C 34 7.79 -2.16 -5.95
CA ALA C 34 7.87 -1.07 -6.92
C ALA C 34 6.69 -1.09 -7.92
N VAL C 35 6.33 -2.28 -8.39
CA VAL C 35 5.21 -2.40 -9.32
C VAL C 35 3.92 -1.98 -8.63
N LYS C 36 3.71 -2.41 -7.39
CA LYS C 36 2.49 -2.08 -6.66
C LYS C 36 2.33 -0.58 -6.50
N GLN C 37 3.39 0.05 -6.03
CA GLN C 37 3.37 1.47 -5.79
C GLN C 37 3.23 2.27 -7.09
N ALA C 38 4.00 1.89 -8.11
CA ALA C 38 3.81 2.48 -9.44
C ALA C 38 2.34 2.41 -9.89
N LEU C 39 1.71 1.27 -9.70
CA LEU C 39 0.29 1.05 -10.08
C LEU C 39 -0.71 1.93 -9.29
N ARG C 40 -0.60 1.92 -7.96
CA ARG C 40 -1.41 2.78 -7.11
C ARG C 40 -1.37 4.24 -7.57
N GLU C 41 -0.17 4.75 -7.86
CA GLU C 41 -0.04 6.15 -8.26
C GLU C 41 -0.45 6.44 -9.71
N ALA C 42 -0.23 5.48 -10.61
CA ALA C 42 -0.78 5.57 -11.97
C ALA C 42 -2.32 5.57 -11.92
N GLY C 43 -2.90 4.72 -11.08
CA GLY C 43 -4.34 4.70 -10.87
C GLY C 43 -4.87 6.02 -10.34
N ASP C 44 -4.17 6.61 -9.37
CA ASP C 44 -4.54 7.94 -8.87
C ASP C 44 -4.49 9.00 -9.95
N GLU C 45 -3.41 8.98 -10.73
CA GLU C 45 -3.20 10.02 -11.73
C GLU C 45 -4.28 9.94 -12.81
N PHE C 46 -4.63 8.71 -13.19
CA PHE C 46 -5.66 8.46 -14.19
C PHE C 46 -7.01 8.99 -13.67
N GLU C 47 -7.34 8.65 -12.41
CA GLU C 47 -8.64 9.00 -11.83
C GLU C 47 -8.78 10.49 -11.54
N LEU C 48 -7.66 11.15 -11.23
CA LEU C 48 -7.68 12.58 -10.95
C LEU C 48 -7.67 13.36 -12.26
N ARG C 49 -6.82 12.93 -13.18
CA ARG C 49 -6.74 13.45 -14.53
C ARG C 49 -8.09 13.47 -15.24
N TYR C 50 -8.84 12.39 -15.07
CA TYR C 50 -10.14 12.22 -15.72
C TYR C 50 -11.29 12.22 -14.73
N ARG C 51 -11.16 12.97 -13.64
CA ARG C 51 -12.09 12.78 -12.51
C ARG C 51 -13.57 12.93 -12.90
N ARG C 52 -13.92 13.99 -13.62
CA ARG C 52 -15.32 14.18 -14.00
C ARG C 52 -15.79 13.13 -15.00
N ALA C 53 -15.05 12.96 -16.08
CA ALA C 53 -15.41 11.99 -17.10
C ALA C 53 -15.46 10.56 -16.53
N PHE C 54 -14.47 10.23 -15.72
CA PHE C 54 -14.35 8.87 -15.20
C PHE C 54 -15.54 8.60 -14.30
N SER C 55 -15.71 9.47 -13.32
CA SER C 55 -16.82 9.37 -12.38
C SER C 55 -18.20 9.33 -13.07
N ASP C 56 -18.37 10.12 -14.13
CA ASP C 56 -19.60 10.04 -14.91
C ASP C 56 -19.77 8.72 -15.70
N LEU C 57 -18.68 8.17 -16.25
CA LEU C 57 -18.75 6.84 -16.88
C LEU C 57 -19.19 5.77 -15.87
N THR C 58 -18.58 5.77 -14.69
CA THR C 58 -18.82 4.73 -13.70
C THR C 58 -20.23 4.83 -13.14
N SER C 59 -20.88 5.96 -13.37
CA SER C 59 -22.25 6.12 -12.94
C SER C 59 -23.21 5.59 -14.01
N GLN C 60 -22.68 5.27 -15.19
CA GLN C 60 -23.49 4.76 -16.29
C GLN C 60 -23.73 3.25 -16.18
N LEU C 61 -23.11 2.62 -15.21
CA LEU C 61 -23.20 1.17 -15.12
C LEU C 61 -24.18 0.72 -14.04
N HIS C 62 -24.89 -0.36 -14.36
CA HIS C 62 -25.90 -0.92 -13.48
C HIS C 62 -25.45 -2.28 -13.00
N ILE C 63 -25.09 -2.35 -11.72
CA ILE C 63 -24.46 -3.53 -11.16
C ILE C 63 -25.40 -4.33 -10.28
N THR C 64 -25.43 -5.65 -10.50
CA THR C 64 -26.06 -6.57 -9.56
C THR C 64 -25.13 -7.74 -9.38
N PRO C 65 -25.30 -8.49 -8.28
CA PRO C 65 -24.42 -9.64 -8.09
C PRO C 65 -24.53 -10.65 -9.24
N GLY C 66 -25.72 -10.76 -9.83
CA GLY C 66 -25.94 -11.71 -10.90
C GLY C 66 -25.41 -11.34 -12.27
N THR C 67 -25.07 -10.07 -12.51
CA THR C 67 -24.70 -9.69 -13.87
C THR C 67 -23.41 -8.88 -14.01
N ALA C 68 -22.81 -8.54 -12.88
CA ALA C 68 -21.59 -7.73 -12.86
C ALA C 68 -20.49 -8.33 -13.72
N TYR C 69 -20.37 -9.66 -13.69
CA TYR C 69 -19.31 -10.32 -14.46
C TYR C 69 -19.50 -10.07 -15.96
N GLN C 70 -20.74 -10.12 -16.42
CA GLN C 70 -21.04 -9.83 -17.82
C GLN C 70 -20.69 -8.40 -18.17
N SER C 71 -21.02 -7.46 -17.28
CA SER C 71 -20.70 -6.05 -17.53
C SER C 71 -19.18 -5.85 -17.58
N PHE C 72 -18.47 -6.52 -16.68
CA PHE C 72 -17.02 -6.43 -16.61
C PHE C 72 -16.38 -6.94 -17.90
N GLU C 73 -16.84 -8.09 -18.39
CA GLU C 73 -16.33 -8.64 -19.65
C GLU C 73 -16.54 -7.67 -20.81
N GLN C 74 -17.73 -7.07 -20.88
CA GLN C 74 -18.04 -6.14 -21.97
C GLN C 74 -17.17 -4.88 -21.96
N VAL C 75 -16.97 -4.31 -20.77
CA VAL C 75 -16.12 -3.13 -20.64
C VAL C 75 -14.69 -3.48 -21.08
N VAL C 76 -14.19 -4.59 -20.56
CA VAL C 76 -12.78 -4.94 -20.68
C VAL C 76 -12.37 -5.40 -22.08
N ASN C 77 -13.20 -6.25 -22.68
CA ASN C 77 -12.95 -6.68 -24.04
C ASN C 77 -13.00 -5.52 -25.04
N GLU C 78 -13.82 -4.51 -24.76
CA GLU C 78 -13.82 -3.31 -25.59
C GLU C 78 -12.54 -2.48 -25.32
N LEU C 79 -12.17 -2.36 -24.05
CA LEU C 79 -10.93 -1.67 -23.66
C LEU C 79 -9.72 -2.20 -24.44
N PHE C 80 -9.68 -3.52 -24.64
CA PHE C 80 -8.54 -4.16 -25.28
C PHE C 80 -8.89 -4.73 -26.67
N ARG C 81 -9.90 -4.19 -27.32
CA ARG C 81 -10.39 -4.76 -28.58
C ARG C 81 -9.32 -4.98 -29.65
N ASP C 82 -8.43 -4.00 -29.80
CA ASP C 82 -7.39 -4.05 -30.83
C ASP C 82 -5.98 -4.23 -30.26
N GLY C 83 -5.88 -4.65 -29.01
CA GLY C 83 -4.58 -4.92 -28.42
C GLY C 83 -4.34 -4.30 -27.05
N VAL C 84 -3.08 -4.25 -26.67
CA VAL C 84 -2.69 -3.82 -25.33
C VAL C 84 -1.65 -2.70 -25.35
N ASN C 85 -1.76 -1.77 -24.41
CA ASN C 85 -0.68 -0.81 -24.11
C ASN C 85 -0.71 -0.45 -22.61
N TRP C 86 0.32 0.22 -22.11
CA TRP C 86 0.41 0.52 -20.66
C TRP C 86 -0.75 1.40 -20.16
N GLY C 87 -1.17 2.36 -21.00
CA GLY C 87 -2.31 3.19 -20.72
C GLY C 87 -3.58 2.39 -20.47
N ARG C 88 -3.83 1.39 -21.32
CA ARG C 88 -5.01 0.56 -21.19
C ARG C 88 -4.96 -0.33 -19.97
N ILE C 89 -3.76 -0.78 -19.63
CA ILE C 89 -3.57 -1.58 -18.45
C ILE C 89 -3.90 -0.79 -17.20
N VAL C 90 -3.48 0.48 -17.15
CA VAL C 90 -3.83 1.37 -16.04
C VAL C 90 -5.35 1.61 -15.96
N ALA C 91 -5.98 1.85 -17.11
CA ALA C 91 -7.44 2.02 -17.18
C ALA C 91 -8.16 0.77 -16.71
N PHE C 92 -7.59 -0.38 -17.04
CA PHE C 92 -8.13 -1.65 -16.59
C PHE C 92 -8.17 -1.74 -15.05
N PHE C 93 -7.07 -1.39 -14.39
CA PHE C 93 -7.02 -1.44 -12.93
C PHE C 93 -7.97 -0.43 -12.31
N SER C 94 -7.90 0.80 -12.80
CA SER C 94 -8.76 1.86 -12.31
C SER C 94 -10.22 1.49 -12.44
N PHE C 95 -10.56 0.84 -13.55
CA PHE C 95 -11.93 0.38 -13.74
C PHE C 95 -12.30 -0.64 -12.69
N GLY C 96 -11.44 -1.64 -12.51
CA GLY C 96 -11.67 -2.67 -11.51
C GLY C 96 -11.89 -2.05 -10.14
N GLY C 97 -11.06 -1.05 -9.81
CA GLY C 97 -11.16 -0.36 -8.55
C GLY C 97 -12.48 0.39 -8.38
N ALA C 98 -12.95 1.03 -9.46
CA ALA C 98 -14.21 1.75 -9.37
C ALA C 98 -15.41 0.79 -9.29
N LEU C 99 -15.27 -0.37 -9.91
CA LEU C 99 -16.29 -1.39 -9.85
C LEU C 99 -16.44 -1.91 -8.41
N CYS C 100 -15.31 -2.09 -7.72
CA CYS C 100 -15.35 -2.53 -6.33
C CYS C 100 -15.96 -1.47 -5.43
N VAL C 101 -15.56 -0.21 -5.62
CA VAL C 101 -16.12 0.88 -4.80
C VAL C 101 -17.64 1.02 -5.01
N GLU C 102 -18.06 1.01 -6.26
CA GLU C 102 -19.48 1.04 -6.60
C GLU C 102 -20.20 -0.13 -5.93
N SER C 103 -19.62 -1.32 -6.02
CA SER C 103 -20.20 -2.49 -5.40
C SER C 103 -20.46 -2.28 -3.90
N VAL C 104 -19.47 -1.74 -3.19
CA VAL C 104 -19.65 -1.50 -1.76
C VAL C 104 -20.67 -0.39 -1.49
N ASP C 105 -20.64 0.67 -2.30
CA ASP C 105 -21.64 1.73 -2.18
C ASP C 105 -23.04 1.14 -2.26
N LYS C 106 -23.21 0.14 -3.13
CA LYS C 106 -24.52 -0.47 -3.35
C LYS C 106 -24.83 -1.64 -2.40
N GLU C 107 -24.01 -1.84 -1.38
CA GLU C 107 -24.20 -2.97 -0.47
C GLU C 107 -24.09 -4.32 -1.20
N MET C 108 -23.16 -4.38 -2.15
CA MET C 108 -22.88 -5.61 -2.87
C MET C 108 -21.41 -6.02 -2.66
N GLN C 109 -20.98 -6.02 -1.40
CA GLN C 109 -19.59 -6.38 -1.11
C GLN C 109 -19.22 -7.82 -1.47
N VAL C 110 -20.22 -8.70 -1.65
CA VAL C 110 -19.93 -10.06 -2.11
C VAL C 110 -19.15 -10.08 -3.43
N LEU C 111 -19.37 -9.06 -4.25
CA LEU C 111 -18.71 -8.93 -5.56
C LEU C 111 -17.19 -8.66 -5.50
N VAL C 112 -16.69 -8.11 -4.40
CA VAL C 112 -15.34 -7.56 -4.41
C VAL C 112 -14.24 -8.60 -4.64
N SER C 113 -14.31 -9.70 -3.90
CA SER C 113 -13.36 -10.80 -4.06
C SER C 113 -13.52 -11.42 -5.44
N ARG C 114 -14.72 -11.34 -5.99
CA ARG C 114 -14.99 -11.88 -7.31
C ARG C 114 -14.35 -11.05 -8.41
N ILE C 115 -14.44 -9.74 -8.26
CA ILE C 115 -13.88 -8.79 -9.21
C ILE C 115 -12.37 -8.95 -9.25
N ALA C 116 -11.78 -9.16 -8.07
CA ALA C 116 -10.36 -9.46 -7.96
C ALA C 116 -9.98 -10.69 -8.78
N ALA C 117 -10.75 -11.76 -8.61
CA ALA C 117 -10.53 -12.99 -9.38
C ALA C 117 -10.71 -12.81 -10.91
N TRP C 118 -11.75 -12.10 -11.34
CA TRP C 118 -11.90 -11.83 -12.77
C TRP C 118 -10.67 -11.11 -13.31
N MET C 119 -10.21 -10.10 -12.58
CA MET C 119 -9.08 -9.28 -13.01
C MET C 119 -7.77 -10.08 -13.13
N ALA C 120 -7.44 -10.81 -12.07
CA ALA C 120 -6.25 -11.63 -12.01
C ALA C 120 -6.23 -12.65 -13.14
N THR C 121 -7.36 -13.32 -13.35
CA THR C 121 -7.55 -14.24 -14.46
C THR C 121 -7.35 -13.57 -15.81
N TYR C 122 -7.91 -12.36 -15.96
CA TYR C 122 -7.78 -11.63 -17.21
C TYR C 122 -6.31 -11.20 -17.44
N LEU C 123 -5.66 -10.73 -16.39
CA LEU C 123 -4.25 -10.38 -16.45
C LEU C 123 -3.46 -11.58 -16.92
N ASN C 124 -3.67 -12.67 -16.19
CA ASN C 124 -3.02 -13.92 -16.46
C ASN C 124 -3.14 -14.36 -17.91
N ASP C 125 -4.37 -14.34 -18.43
CA ASP C 125 -4.64 -14.90 -19.74
C ASP C 125 -4.38 -13.94 -20.91
N HIS C 126 -4.64 -12.65 -20.72
CA HIS C 126 -4.70 -11.74 -21.86
C HIS C 126 -3.69 -10.60 -21.83
N LEU C 127 -3.13 -10.32 -20.66
CA LEU C 127 -2.31 -9.14 -20.51
C LEU C 127 -0.83 -9.46 -20.30
N GLU C 128 -0.58 -10.46 -19.46
CA GLU C 128 0.77 -10.86 -19.08
C GLU C 128 1.68 -11.19 -20.30
N PRO C 129 1.13 -11.86 -21.32
CA PRO C 129 1.97 -12.10 -22.50
C PRO C 129 2.48 -10.81 -23.14
N TRP C 130 1.65 -9.78 -23.23
CA TRP C 130 2.11 -8.52 -23.80
C TRP C 130 3.11 -7.82 -22.84
N ILE C 131 2.80 -7.85 -21.55
CA ILE C 131 3.68 -7.25 -20.55
C ILE C 131 5.12 -7.82 -20.63
N GLN C 132 5.24 -9.15 -20.68
CA GLN C 132 6.54 -9.79 -20.67
C GLN C 132 7.25 -9.59 -22.01
N GLU C 133 6.46 -9.34 -23.06
CA GLU C 133 6.95 -9.11 -24.40
C GLU C 133 7.56 -7.71 -24.52
N ASN C 134 7.14 -6.83 -23.62
CA ASN C 134 7.63 -5.45 -23.61
C ASN C 134 8.58 -5.14 -22.46
N GLY C 135 9.28 -6.17 -21.97
CA GLY C 135 10.31 -5.97 -20.97
C GLY C 135 9.86 -6.30 -19.56
N GLY C 136 8.57 -6.56 -19.38
CA GLY C 136 8.06 -6.90 -18.06
C GLY C 136 7.57 -5.69 -17.28
N TRP C 137 7.16 -5.92 -16.03
CA TRP C 137 6.67 -4.86 -15.17
C TRP C 137 7.70 -3.76 -14.91
N ASP C 138 8.98 -4.09 -15.10
CA ASP C 138 10.07 -3.14 -14.96
C ASP C 138 9.90 -1.97 -15.93
N THR C 139 9.45 -2.27 -17.15
CA THR C 139 9.26 -1.24 -18.15
C THR C 139 8.23 -0.25 -17.66
N PHE C 140 7.18 -0.76 -17.02
CA PHE C 140 6.11 0.07 -16.47
C PHE C 140 6.58 0.92 -15.29
N VAL C 141 7.34 0.34 -14.38
CA VAL C 141 7.92 1.10 -13.27
C VAL C 141 8.77 2.30 -13.78
N GLU C 142 9.55 2.07 -14.83
CA GLU C 142 10.46 3.09 -15.35
C GLU C 142 9.75 4.24 -16.05
N LEU C 143 8.70 3.96 -16.82
CA LEU C 143 7.99 5.08 -17.42
C LEU C 143 6.93 5.73 -16.50
N TYR C 144 6.21 4.93 -15.71
CA TYR C 144 5.21 5.49 -14.78
C TYR C 144 5.79 5.83 -13.41
N GLY C 145 7.10 6.05 -13.36
CA GLY C 145 7.78 6.34 -12.11
C GLY C 145 7.34 5.41 -10.99
C ACE D 1 -25.44 2.46 -24.18
N HT7 D 2 -25.23 2.53 -22.86
CB HT7 D 2 -23.98 2.32 -22.13
CG HT7 D 2 -23.86 3.25 -20.92
CD HT7 D 2 -23.80 4.70 -21.31
CE2 HT7 D 2 -22.64 5.45 -21.69
CZ3 HT7 D 2 -21.28 5.16 -21.82
CH3 HT7 D 2 -20.40 6.15 -22.24
CT2 HT7 D 2 -20.84 7.46 -22.52
CH2 HT7 D 2 -22.17 7.78 -22.40
CZ2 HT7 D 2 -23.07 6.77 -21.99
NZ1 HT7 D 2 -24.43 6.80 -21.78
CE1 HT7 D 2 -24.87 5.56 -21.38
CA HT7 D 2 -23.88 0.86 -21.71
C HT7 D 2 -22.44 0.49 -21.42
O HT7 D 2 -21.52 1.31 -21.55
N ALA D 3 -22.25 -0.76 -21.01
CA ALA D 3 -20.93 -1.28 -20.66
C ALA D 3 -19.90 -1.16 -21.79
N ARG D 4 -20.24 -1.65 -22.97
CA ARG D 4 -19.27 -1.70 -24.05
C ARG D 4 -18.89 -0.30 -24.51
N B3E D 5 -19.91 0.51 -24.76
CA B3E D 5 -19.73 1.88 -25.24
CG B3E D 5 -20.60 2.09 -26.48
CD B3E D 5 -20.27 1.06 -27.56
CE B3E D 5 -21.12 1.09 -28.83
OF2 B3E D 5 -20.58 0.69 -29.88
OF1 B3E D 5 -22.29 1.50 -28.79
CB B3E D 5 -20.04 2.92 -24.17
C B3E D 5 -18.82 3.11 -23.27
O B3E D 5 -17.81 3.70 -23.66
N ILE D 6 -18.93 2.60 -22.05
CA ILE D 6 -17.87 2.72 -21.06
C ILE D 6 -16.48 2.26 -21.52
N GLY D 7 -16.37 1.04 -22.00
CA GLY D 7 -15.06 0.52 -22.38
C GLY D 7 -14.40 1.28 -23.52
N ALA D 8 -15.23 1.73 -24.47
CA ALA D 8 -14.76 2.48 -25.63
C ALA D 8 -14.41 3.91 -25.27
N B3Q D 9 -15.21 4.53 -24.42
CA B3Q D 9 -14.94 5.92 -24.02
CG B3Q D 9 -15.97 6.96 -24.48
CB B3Q D 9 -14.80 6.05 -22.52
C B3Q D 9 -13.37 5.70 -22.15
O B3Q D 9 -12.45 6.45 -22.41
CD B3Q D 9 -15.56 8.36 -24.00
CE B3Q D 9 -14.15 8.82 -24.39
NF2 B3Q D 9 -13.95 8.92 -25.72
OF1 B3Q D 9 -13.27 9.08 -23.55
N LEU D 10 -13.21 4.53 -21.56
CA LEU D 10 -11.90 4.06 -21.11
C LEU D 10 -10.80 3.94 -22.18
N ARG D 11 -11.15 3.45 -23.37
CA ARG D 11 -10.12 3.17 -24.36
C ARG D 11 -9.53 4.43 -24.97
N HR7 D 12 -10.40 5.31 -25.44
CB HR7 D 12 -10.00 6.54 -26.08
CG HR7 D 12 -10.81 6.78 -27.36
CD HR7 D 12 -10.85 5.53 -28.23
CE HR7 D 12 -9.48 5.21 -28.82
NZ HR7 D 12 -9.51 3.98 -29.61
CH HR7 D 12 -8.48 3.49 -30.30
NH2 HR7 D 12 -7.33 4.14 -30.31
NH1 HR7 D 12 -8.62 2.35 -31.00
C HR7 D 12 -9.29 7.92 -24.11
O HR7 D 12 -8.15 8.27 -24.42
CA HR7 D 12 -10.35 7.69 -25.16
N MET D 13 -9.66 7.69 -22.85
CA MET D 13 -8.77 7.92 -21.72
C MET D 13 -7.40 7.23 -21.78
N ALA D 14 -7.39 5.92 -22.07
CA ALA D 14 -6.16 5.12 -21.99
C ALA D 14 -5.18 5.45 -23.11
N ASP D 15 -5.68 5.56 -24.34
CA ASP D 15 -4.80 5.76 -25.48
C ASP D 15 -4.24 7.18 -25.52
OE1 B3D D 16 -5.25 9.34 -28.01
CD B3D D 16 -6.13 9.89 -27.30
OE2 B3D D 16 -7.29 10.09 -27.69
CG B3D D 16 -5.79 10.33 -25.89
CA B3D D 16 -4.68 9.54 -25.20
N B3D D 16 -5.08 8.15 -25.17
CB B3D D 16 -4.60 10.12 -23.79
C B3D D 16 -3.37 9.72 -23.01
O B3D D 16 -2.25 10.16 -23.30
N LEU D 17 -3.59 8.92 -21.96
CA LEU D 17 -2.54 8.49 -21.04
C LEU D 17 -1.33 7.82 -21.72
N ASN D 18 -1.58 6.92 -22.64
CA ASN D 18 -0.51 6.20 -23.34
C ASN D 18 0.30 7.08 -24.30
CG B3A D 19 -0.32 8.86 -27.15
CA B3A D 19 0.30 9.05 -25.77
N B3A D 19 -0.33 8.13 -24.82
CB B3A D 19 0.04 10.49 -25.43
C B3A D 19 0.98 10.92 -24.33
O B3A D 19 2.16 11.15 -24.57
N GLN D 20 0.47 11.00 -23.11
CA GLN D 20 1.31 11.40 -21.99
C GLN D 20 2.51 10.50 -21.71
N TYR D 21 2.25 9.20 -21.61
CA TYR D 21 3.32 8.27 -21.19
C TYR D 21 3.93 7.51 -22.33
N GLU D 22 4.44 8.27 -23.31
CA GLU D 22 5.25 7.76 -24.41
C GLU D 22 5.76 8.92 -25.27
#